data_4WT2
#
_entry.id   4WT2
#
_cell.length_a   45.517
_cell.length_b   45.517
_cell.length_c   208.624
_cell.angle_alpha   90.000
_cell.angle_beta   90.000
_cell.angle_gamma   120.000
#
_symmetry.space_group_name_H-M   'P 61 2 2'
#
loop_
_entity.id
_entity.type
_entity.pdbx_description
1 polymer 'E3 ubiquitin-protein ligase Mdm2'
2 non-polymer '4-({[(3R,5R,6S)-1-[(1S)-2-(tert-butylsulfonyl)-1-cyclopropylethyl]-6-(4-chloro-3-fluorophenyl)-5-(3-chlorophenyl)-3-methyl-2-oxopiperidin-3-yl]acetyl}amino)-2-methoxybenzoic acid'
3 non-polymer 'SULFATE ION'
4 water water
#
_entity_poly.entity_id   1
_entity_poly.type   'polypeptide(L)'
_entity_poly.pdbx_seq_one_letter_code
;MSVPTDGAVTTSQIPASEQETLVRPKPLLLKLLKSVGAQKDTYTMKEVLFYLGQYIMTKRLYDEKQQHIVYCSNDLLGDL
FGVPSFSVKEHRKIYTMIYRNLVVV
;
_entity_poly.pdbx_strand_id   A
#
loop_
_chem_comp.id
_chem_comp.type
_chem_comp.name
_chem_comp.formula
3UD non-polymer '4-({[(3R,5R,6S)-1-[(1S)-2-(tert-butylsulfonyl)-1-cyclopropylethyl]-6-(4-chloro-3-fluorophenyl)-5-(3-chlorophenyl)-3-methyl-2-oxopiperidin-3-yl]acetyl}amino)-2-methoxybenzoic acid' 'C37 H41 Cl2 F N2 O7 S'
SO4 non-polymer 'SULFATE ION' 'O4 S -2'
#
# COMPACT_ATOMS: atom_id res chain seq x y z
N MET A 1 7.29 4.75 11.03
CA MET A 1 6.09 3.86 11.08
CA MET A 1 5.98 4.01 11.07
C MET A 1 5.62 3.34 12.42
N SER A 2 4.34 2.98 12.54
CA SER A 2 3.85 2.22 13.69
C SER A 2 3.07 1.01 13.19
N VAL A 3 2.97 0.00 14.04
CA VAL A 3 2.27 -1.24 13.71
C VAL A 3 1.26 -1.54 14.82
N PRO A 4 0.04 -0.98 14.71
CA PRO A 4 -0.95 -1.12 15.79
C PRO A 4 -1.55 -2.51 15.92
N THR A 5 -1.49 -3.29 14.84
CA THR A 5 -1.92 -4.68 14.85
C THR A 5 -0.93 -5.49 14.01
N ASP A 6 -1.13 -6.81 13.96
CA ASP A 6 -0.31 -7.71 13.15
C ASP A 6 -0.60 -7.62 11.64
N GLY A 7 -1.59 -6.83 11.24
CA GLY A 7 -1.94 -6.69 9.82
C GLY A 7 -2.26 -5.26 9.41
N ALA A 8 -1.56 -4.32 10.02
CA ALA A 8 -1.77 -2.91 9.74
C ALA A 8 -0.48 -2.14 9.96
N VAL A 9 -0.27 -1.10 9.17
CA VAL A 9 0.89 -0.21 9.34
CA VAL A 9 0.88 -0.22 9.37
C VAL A 9 0.40 1.22 9.22
N THR A 10 0.84 2.07 10.14
CA THR A 10 0.43 3.47 10.16
C THR A 10 1.64 4.40 10.10
N THR A 11 1.36 5.67 9.81
CA THR A 11 2.38 6.69 9.66
C THR A 11 1.92 8.00 10.28
N SER A 12 2.85 8.75 10.88
CA SER A 12 2.54 10.06 11.41
C SER A 12 2.36 11.12 10.33
N GLN A 13 2.69 10.80 9.08
CA GLN A 13 2.54 11.75 7.97
C GLN A 13 1.09 11.96 7.54
N ILE A 14 0.20 11.07 7.96
CA ILE A 14 -1.21 11.05 7.54
C ILE A 14 -2.07 11.08 8.81
N PRO A 15 -3.21 11.80 8.81
CA PRO A 15 -4.02 11.79 10.03
C PRO A 15 -4.41 10.37 10.45
N ALA A 16 -4.40 10.10 11.75
CA ALA A 16 -4.78 8.77 12.24
C ALA A 16 -6.13 8.31 11.70
N SER A 17 -7.11 9.21 11.74
CA SER A 17 -8.45 8.87 11.31
C SER A 17 -8.52 8.54 9.81
N GLU A 18 -7.68 9.18 9.01
CA GLU A 18 -7.62 8.87 7.58
C GLU A 18 -7.18 7.44 7.34
N GLN A 19 -6.32 6.93 8.20
CA GLN A 19 -5.81 5.57 8.06
C GLN A 19 -6.83 4.52 8.50
N GLU A 20 -7.93 4.97 9.08
CA GLU A 20 -9.10 4.13 9.40
C GLU A 20 -10.19 4.18 8.32
N THR A 21 -9.95 4.92 7.24
CA THR A 21 -10.91 5.01 6.13
C THR A 21 -11.20 3.63 5.59
N LEU A 22 -12.49 3.28 5.50
CA LEU A 22 -12.90 2.00 4.94
C LEU A 22 -12.99 2.10 3.43
N VAL A 23 -12.40 1.11 2.75
CA VAL A 23 -12.27 1.13 1.30
C VAL A 23 -12.54 -0.25 0.71
N ARG A 24 -13.02 -0.25 -0.53
CA ARG A 24 -13.23 -1.46 -1.31
C ARG A 24 -12.33 -1.38 -2.54
N PRO A 25 -11.18 -2.08 -2.49
CA PRO A 25 -10.26 -2.10 -3.63
C PRO A 25 -10.90 -2.54 -4.94
N LYS A 26 -10.53 -1.87 -6.02
CA LYS A 26 -10.88 -2.29 -7.37
C LYS A 26 -10.09 -3.56 -7.71
N PRO A 27 -10.42 -4.21 -8.85
CA PRO A 27 -9.90 -5.57 -9.05
C PRO A 27 -8.38 -5.79 -9.01
N LEU A 28 -7.60 -4.90 -9.62
CA LEU A 28 -6.15 -5.10 -9.59
C LEU A 28 -5.60 -4.96 -8.17
N LEU A 29 -5.98 -3.89 -7.47
CA LEU A 29 -5.50 -3.71 -6.09
C LEU A 29 -5.92 -4.92 -5.25
N LEU A 30 -7.16 -5.36 -5.41
CA LEU A 30 -7.66 -6.48 -4.65
C LEU A 30 -6.84 -7.75 -4.92
N LYS A 31 -6.50 -7.98 -6.19
CA LYS A 31 -5.67 -9.13 -6.56
C LYS A 31 -4.34 -9.11 -5.83
N LEU A 32 -3.70 -7.95 -5.78
CA LEU A 32 -2.40 -7.84 -5.13
C LEU A 32 -2.51 -8.16 -3.63
N LEU A 33 -3.55 -7.64 -2.99
CA LEU A 33 -3.75 -7.88 -1.56
C LEU A 33 -3.99 -9.37 -1.29
N LYS A 34 -4.83 -10.00 -2.10
CA LYS A 34 -5.15 -11.41 -1.89
C LYS A 34 -3.96 -12.33 -2.18
N SER A 35 -3.04 -11.88 -3.04
CA SER A 35 -1.84 -12.66 -3.33
C SER A 35 -0.92 -12.83 -2.12
N VAL A 36 -1.06 -11.94 -1.14
CA VAL A 36 -0.29 -12.04 0.11
C VAL A 36 -1.18 -12.35 1.31
N GLY A 37 -2.30 -13.03 1.08
CA GLY A 37 -3.09 -13.62 2.16
C GLY A 37 -4.33 -12.90 2.62
N ALA A 38 -4.63 -11.73 2.04
CA ALA A 38 -5.86 -11.01 2.41
C ALA A 38 -7.09 -11.81 2.00
N GLN A 39 -8.12 -11.84 2.87
CA GLN A 39 -9.28 -12.72 2.65
C GLN A 39 -10.62 -11.99 2.54
N LYS A 40 -10.58 -10.66 2.41
CA LYS A 40 -11.82 -9.87 2.38
C LYS A 40 -11.82 -8.85 1.25
N ASP A 41 -12.97 -8.20 1.05
CA ASP A 41 -13.14 -7.21 -0.01
C ASP A 41 -13.17 -5.77 0.49
N THR A 42 -13.29 -5.58 1.81
CA THR A 42 -13.29 -4.26 2.43
C THR A 42 -12.20 -4.19 3.51
N TYR A 43 -11.48 -3.08 3.54
CA TYR A 43 -10.31 -2.89 4.42
C TYR A 43 -10.27 -1.48 4.95
N THR A 44 -9.60 -1.28 6.08
CA THR A 44 -9.16 0.06 6.43
C THR A 44 -7.87 0.35 5.65
N MET A 45 -7.59 1.62 5.41
CA MET A 45 -6.40 1.99 4.67
C MET A 45 -5.12 1.44 5.30
N LYS A 46 -5.04 1.44 6.63
CA LYS A 46 -3.83 0.95 7.30
CA LYS A 46 -3.83 0.95 7.30
C LYS A 46 -3.59 -0.54 7.00
N GLU A 47 -4.67 -1.29 6.77
CA GLU A 47 -4.55 -2.69 6.36
C GLU A 47 -4.09 -2.81 4.91
N VAL A 48 -4.62 -1.95 4.04
CA VAL A 48 -4.20 -1.93 2.64
C VAL A 48 -2.70 -1.66 2.56
N LEU A 49 -2.23 -0.71 3.35
CA LEU A 49 -0.81 -0.36 3.33
C LEU A 49 0.03 -1.53 3.83
N PHE A 50 -0.44 -2.25 4.86
CA PHE A 50 0.27 -3.41 5.33
C PHE A 50 0.42 -4.44 4.21
N TYR A 51 -0.69 -4.80 3.59
CA TYR A 51 -0.67 -5.84 2.55
C TYR A 51 0.11 -5.39 1.31
N LEU A 52 0.01 -4.12 0.93
CA LEU A 52 0.79 -3.62 -0.20
CA LEU A 52 0.78 -3.65 -0.22
C LEU A 52 2.29 -3.68 0.11
N GLY A 53 2.64 -3.35 1.35
CA GLY A 53 4.02 -3.51 1.79
C GLY A 53 4.49 -4.95 1.67
N GLN A 54 3.65 -5.89 2.09
CA GLN A 54 3.97 -7.32 1.96
C GLN A 54 4.13 -7.71 0.50
N TYR A 55 3.24 -7.22 -0.36
CA TYR A 55 3.34 -7.49 -1.79
C TYR A 55 4.68 -6.98 -2.35
N ILE A 56 5.03 -5.74 -2.04
CA ILE A 56 6.29 -5.13 -2.47
C ILE A 56 7.49 -5.98 -2.07
N MET A 57 7.51 -6.44 -0.83
CA MET A 57 8.65 -7.22 -0.36
C MET A 57 8.67 -8.62 -0.97
N THR A 58 7.50 -9.23 -1.13
CA THR A 58 7.39 -10.56 -1.74
C THR A 58 7.84 -10.56 -3.20
N LYS A 59 7.48 -9.51 -3.94
CA LYS A 59 7.88 -9.36 -5.34
C LYS A 59 9.28 -8.79 -5.52
N ARG A 60 9.97 -8.51 -4.42
CA ARG A 60 11.36 -8.06 -4.45
C ARG A 60 11.50 -6.71 -5.16
N LEU A 61 10.55 -5.81 -4.94
CA LEU A 61 10.57 -4.50 -5.56
C LEU A 61 11.28 -3.44 -4.71
N TYR A 62 11.72 -3.81 -3.51
CA TYR A 62 12.41 -2.89 -2.59
C TYR A 62 13.59 -3.60 -1.91
N ASP A 63 14.57 -4.01 -2.70
CA ASP A 63 15.74 -4.73 -2.19
C ASP A 63 16.75 -3.79 -1.54
N GLU A 64 16.98 -2.64 -2.16
CA GLU A 64 17.97 -1.69 -1.65
C GLU A 64 17.32 -0.75 -0.63
N LYS A 65 17.37 -1.11 0.64
CA LYS A 65 16.56 -0.44 1.66
C LYS A 65 16.94 1.03 1.85
N GLN A 66 18.24 1.31 1.88
CA GLN A 66 18.74 2.67 2.13
C GLN A 66 18.52 3.66 0.99
N GLN A 67 18.21 3.16 -0.21
CA GLN A 67 17.88 4.02 -1.35
C GLN A 67 16.43 4.51 -1.28
N HIS A 68 15.57 3.77 -0.57
CA HIS A 68 14.17 4.18 -0.33
C HIS A 68 13.30 4.25 -1.58
N ILE A 69 13.67 3.53 -2.62
CA ILE A 69 12.94 3.57 -3.89
C ILE A 69 12.38 2.20 -4.21
N VAL A 70 11.09 2.18 -4.54
CA VAL A 70 10.44 0.99 -5.08
C VAL A 70 10.52 1.10 -6.58
N TYR A 71 11.10 0.11 -7.25
CA TYR A 71 11.11 0.08 -8.70
C TYR A 71 10.07 -0.92 -9.21
N CYS A 72 9.01 -0.40 -9.82
CA CYS A 72 7.82 -1.18 -10.13
C CYS A 72 7.42 -1.12 -11.61
N SER A 73 8.30 -0.61 -12.48
CA SER A 73 7.97 -0.37 -13.89
C SER A 73 7.48 -1.61 -14.64
N ASN A 74 8.05 -2.77 -14.32
CA ASN A 74 7.70 -4.02 -14.99
C ASN A 74 6.80 -4.94 -14.18
N ASP A 75 6.24 -4.39 -13.10
CA ASP A 75 5.36 -5.14 -12.21
C ASP A 75 3.94 -4.61 -12.34
N LEU A 76 2.98 -5.45 -11.97
CA LEU A 76 1.59 -5.01 -11.81
C LEU A 76 1.46 -3.72 -11.00
N LEU A 77 2.30 -3.54 -9.98
CA LEU A 77 2.23 -2.34 -9.16
C LEU A 77 2.51 -1.06 -9.94
N GLY A 78 3.41 -1.12 -10.90
CA GLY A 78 3.70 0.04 -11.75
C GLY A 78 2.50 0.42 -12.59
N ASP A 79 1.77 -0.59 -13.05
CA ASP A 79 0.54 -0.34 -13.80
C ASP A 79 -0.55 0.19 -12.89
N LEU A 80 -0.65 -0.36 -11.69
CA LEU A 80 -1.63 0.10 -10.71
C LEU A 80 -1.43 1.58 -10.37
N PHE A 81 -0.19 1.94 -10.06
CA PHE A 81 0.13 3.31 -9.64
C PHE A 81 0.37 4.27 -10.80
N GLY A 82 0.67 3.73 -11.99
CA GLY A 82 0.97 4.56 -13.15
C GLY A 82 2.30 5.29 -13.06
N VAL A 83 3.27 4.69 -12.37
CA VAL A 83 4.62 5.25 -12.25
C VAL A 83 5.65 4.12 -12.37
N PRO A 84 6.87 4.46 -12.84
CA PRO A 84 7.93 3.45 -12.93
C PRO A 84 8.62 3.18 -11.59
N SER A 85 8.53 4.15 -10.69
CA SER A 85 9.14 4.04 -9.37
C SER A 85 8.56 5.12 -8.47
N PHE A 86 8.78 4.97 -7.17
CA PHE A 86 8.35 5.97 -6.20
C PHE A 86 9.12 5.80 -4.91
N SER A 87 9.09 6.83 -4.06
CA SER A 87 9.78 6.82 -2.77
C SER A 87 8.91 6.28 -1.66
N VAL A 88 9.46 5.38 -0.86
CA VAL A 88 8.74 4.84 0.29
C VAL A 88 8.55 5.88 1.41
N LYS A 89 9.25 7.00 1.31
CA LYS A 89 9.16 8.07 2.31
C LYS A 89 7.99 9.03 2.10
N GLU A 90 7.45 9.06 0.89
CA GLU A 90 6.46 10.06 0.48
CA GLU A 90 6.46 10.06 0.52
C GLU A 90 5.04 9.51 0.67
N HIS A 91 4.56 9.54 1.91
CA HIS A 91 3.35 8.81 2.26
C HIS A 91 2.05 9.39 1.71
N ARG A 92 1.94 10.71 1.64
CA ARG A 92 0.80 11.32 0.96
C ARG A 92 0.74 10.90 -0.52
N LYS A 93 1.88 10.91 -1.20
CA LYS A 93 1.92 10.47 -2.61
C LYS A 93 1.43 9.02 -2.75
N ILE A 94 1.86 8.16 -1.84
CA ILE A 94 1.44 6.76 -1.84
C ILE A 94 -0.06 6.63 -1.60
N TYR A 95 -0.58 7.32 -0.58
CA TYR A 95 -2.03 7.32 -0.31
C TYR A 95 -2.82 7.76 -1.56
N THR A 96 -2.36 8.82 -2.20
CA THR A 96 -3.02 9.33 -3.39
C THR A 96 -3.08 8.29 -4.50
N MET A 97 -1.96 7.62 -4.76
CA MET A 97 -1.91 6.59 -5.81
C MET A 97 -2.84 5.42 -5.48
N ILE A 98 -2.93 5.07 -4.21
CA ILE A 98 -3.82 4.00 -3.78
C ILE A 98 -5.29 4.38 -3.92
N TYR A 99 -5.63 5.60 -3.53
CA TYR A 99 -7.02 6.07 -3.62
C TYR A 99 -7.62 6.00 -5.03
N ARG A 100 -6.77 6.09 -6.05
CA ARG A 100 -7.23 6.02 -7.43
C ARG A 100 -7.71 4.62 -7.82
N ASN A 101 -7.43 3.64 -6.95
CA ASN A 101 -7.67 2.23 -7.25
C ASN A 101 -8.64 1.54 -6.29
N LEU A 102 -9.58 2.33 -5.77
CA LEU A 102 -10.55 1.84 -4.79
C LEU A 102 -11.79 2.72 -4.79
N VAL A 103 -12.82 2.22 -4.12
CA VAL A 103 -14.01 3.01 -3.79
C VAL A 103 -14.08 3.18 -2.29
N VAL A 104 -14.30 4.42 -1.84
CA VAL A 104 -14.43 4.70 -0.42
C VAL A 104 -15.83 4.32 0.06
N VAL A 105 -15.88 3.54 1.14
CA VAL A 105 -17.13 3.08 1.74
C VAL A 105 -17.84 4.24 2.43
C34 3UD B . 9.82 9.83 6.41
O5 3UD B . 11.20 9.67 6.74
C31 3UD B . 11.71 8.40 6.59
C32 3UD B . 10.96 7.33 6.08
C30 3UD B . 13.04 8.20 6.95
C33 3UD B . 13.89 9.34 7.50
O7 3UD B . 14.20 9.30 8.71
O6 3UD B . 14.22 10.26 6.71
C29 3UD B . 13.62 6.94 6.81
C28 3UD B . 12.86 5.88 6.31
C27 3UD B . 11.54 6.06 5.94
N2 3UD B . 10.89 4.97 5.46
C20 3UD B . 9.57 4.83 5.29
O2 3UD B . 8.70 5.65 5.60
C19 3UD B . 9.16 3.50 4.64
C18 3UD B . 8.48 2.50 5.57
C5 3UD B . 7.06 2.93 5.93
C26 3UD B . 9.29 2.35 6.87
C17 3UD B . 8.48 1.11 4.91
O1 3UD B . 9.55 0.50 4.85
N1 3UD B . 7.33 0.56 4.33
C11 3UD B . 7.35 -0.83 3.84
C12 3UD B . 8.27 -1.06 2.66
C35 3UD B . 7.99 -2.36 1.89
C36 3UD B . 7.62 -1.00 1.27
C13 3UD B . 7.72 -1.75 5.03
S1 3UD B . 6.58 -1.67 6.45
O3 3UD B . 5.22 -2.04 5.99
O4 3UD B . 6.62 -0.31 7.08
C14 3UD B . 7.16 -2.84 7.71
C16 3UD B . 7.20 -4.24 7.08
C37 3UD B . 8.54 -2.38 8.17
C15 3UD B . 6.16 -2.81 8.88
C2 3UD B . 6.02 1.22 4.38
C1 3UD B . 5.24 1.10 3.04
C25 3UD B . 5.72 1.68 1.88
C24 3UD B . 4.98 1.55 0.71
F1 3UD B . 5.49 2.11 -0.40
C23 3UD B . 3.76 0.88 0.71
CL2 3UD B . 2.80 0.76 -0.73
C22 3UD B . 3.27 0.31 1.87
C21 3UD B . 4.02 0.43 3.04
C3 3UD B . 6.12 2.74 4.74
C4 3UD B . 4.68 3.25 5.00
C10 3UD B . 4.03 4.04 4.05
C9 3UD B . 2.74 4.50 4.28
CL1 3UD B . 1.97 5.48 3.08
C8 3UD B . 2.06 4.16 5.44
C7 3UD B . 2.69 3.37 6.39
C6 3UD B . 3.99 2.91 6.17
S SO4 C . 5.68 7.28 12.89
O1 SO4 C . 5.44 7.50 11.45
O2 SO4 C . 6.91 6.46 13.06
O3 SO4 C . 5.89 8.58 13.57
O4 SO4 C . 4.51 6.58 13.49
S SO4 D . -3.28 13.11 13.66
O1 SO4 D . -2.17 13.74 12.91
O2 SO4 D . -3.09 11.65 13.72
O3 SO4 D . -3.31 13.68 15.04
O4 SO4 D . -4.56 13.42 12.97
#